data_5B1Z
#
_entry.id   5B1Z
#
_cell.length_a   50.708
_cell.length_b   135.317
_cell.length_c   97.593
_cell.angle_alpha   90.00
_cell.angle_beta   90.00
_cell.angle_gamma   90.00
#
_symmetry.space_group_name_H-M   'C 2 2 21'
#
loop_
_entity.id
_entity.type
_entity.pdbx_description
1 polymer 'Bcl-2-like protein 1'
2 polymer 'Peptide from Protein X'
3 water water
#
loop_
_entity_poly.entity_id
_entity_poly.type
_entity_poly.pdbx_seq_one_letter_code
_entity_poly.pdbx_strand_id
1 'polypeptide(L)'
;MSQSNRELVVDFLSYKLSQKGYSWSQMAAVKQALREAGDEFELRYRRAFSDLTSQLHITPGTAYQSFEQVVNELFRDGVN
WGRIVAFFSFGGALCVESVDKEMQVLVSRIAAWMATYLNDHLEPWIQENGGWDTFVELYGNNAAAESRKGQER
;
A,B
2 'polypeptide(L)' KDCVFKDWEELGEEIRLKVFVLG C,D
#
# COMPACT_ATOMS: atom_id res chain seq x y z
N MET A 1 -7.18 16.67 12.91
CA MET A 1 -8.37 17.50 12.64
C MET A 1 -9.02 17.02 11.35
N SER A 2 -8.27 17.02 10.23
CA SER A 2 -8.75 16.41 8.96
C SER A 2 -8.34 14.97 8.88
N GLN A 3 -9.33 14.08 9.05
CA GLN A 3 -9.14 12.62 8.93
C GLN A 3 -8.19 12.19 7.76
N SER A 4 -8.27 12.87 6.61
CA SER A 4 -7.51 12.48 5.43
C SER A 4 -6.02 12.77 5.55
N ASN A 5 -5.65 13.78 6.31
CA ASN A 5 -4.23 14.04 6.54
C ASN A 5 -3.58 12.90 7.36
N ARG A 6 -4.32 12.45 8.36
CA ARG A 6 -3.94 11.34 9.19
C ARG A 6 -3.86 10.05 8.37
N GLU A 7 -4.80 9.85 7.47
CA GLU A 7 -4.78 8.61 6.65
C GLU A 7 -3.66 8.66 5.61
N LEU A 8 -3.30 9.85 5.16
CA LEU A 8 -2.18 9.92 4.26
C LEU A 8 -0.87 9.57 5.00
N VAL A 9 -0.69 10.13 6.20
CA VAL A 9 0.49 9.88 6.98
C VAL A 9 0.65 8.39 7.33
N VAL A 10 -0.44 7.77 7.77
CA VAL A 10 -0.48 6.35 8.14
C VAL A 10 -0.21 5.47 6.95
N ASP A 11 -0.74 5.80 5.80
CA ASP A 11 -0.38 5.02 4.62
C ASP A 11 1.10 5.08 4.30
N PHE A 12 1.68 6.27 4.41
CA PHE A 12 3.08 6.40 4.01
C PHE A 12 4.02 5.68 4.97
N LEU A 13 3.75 5.87 6.25
CA LEU A 13 4.49 5.23 7.31
C LEU A 13 4.40 3.70 7.25
N SER A 14 3.20 3.18 6.95
CA SER A 14 2.99 1.76 6.81
C SER A 14 3.83 1.20 5.69
N TYR A 15 3.85 1.91 4.54
CA TYR A 15 4.75 1.62 3.41
C TYR A 15 6.25 1.57 3.73
N LYS A 16 6.79 2.66 4.29
CA LYS A 16 8.22 2.69 4.68
C LYS A 16 8.61 1.67 5.72
N LEU A 17 7.73 1.43 6.65
CA LEU A 17 7.96 0.32 7.60
C LEU A 17 8.02 -1.03 6.86
N SER A 18 7.04 -1.31 5.98
CA SER A 18 7.00 -2.56 5.23
C SER A 18 8.26 -2.79 4.40
N GLN A 19 8.88 -1.73 3.94
CA GLN A 19 10.04 -1.85 3.14
C GLN A 19 11.22 -2.29 3.89
N LYS A 20 11.12 -2.28 5.22
CA LYS A 20 12.24 -2.68 6.03
C LYS A 20 11.88 -3.88 6.83
N GLY A 21 10.76 -4.50 6.50
CA GLY A 21 10.40 -5.69 7.23
C GLY A 21 9.58 -5.45 8.46
N TYR A 22 9.02 -4.25 8.59
CA TYR A 22 8.29 -3.87 9.78
C TYR A 22 6.84 -3.64 9.41
N SER A 23 5.95 -3.53 10.39
CA SER A 23 4.56 -3.31 10.10
C SER A 23 3.96 -2.25 10.98
N TRP A 24 3.12 -1.39 10.38
CA TRP A 24 2.33 -0.43 11.14
C TRP A 24 1.46 -1.14 12.22
N SER A 25 0.89 -2.27 11.83
CA SER A 25 0.00 -3.04 12.71
C SER A 25 -0.09 -4.42 12.15
N GLN A 26 -0.71 -5.30 12.88
CA GLN A 26 -0.94 -6.68 12.46
C GLN A 26 -1.71 -6.70 11.13
N MET A 27 -2.75 -5.87 11.02
CA MET A 27 -3.53 -5.78 9.80
C MET A 27 -2.67 -5.28 8.65
N ALA A 28 -1.82 -4.29 8.89
CA ALA A 28 -0.87 -3.89 7.84
C ALA A 28 0.05 -5.02 7.40
N ALA A 29 0.46 -5.86 8.35
CA ALA A 29 1.29 -7.06 8.03
C ALA A 29 0.55 -8.10 7.14
N VAL A 30 -0.73 -8.30 7.44
CA VAL A 30 -1.57 -9.21 6.67
C VAL A 30 -1.77 -8.65 5.24
N LYS A 31 -2.05 -7.36 5.14
CA LYS A 31 -2.15 -6.71 3.82
C LYS A 31 -0.90 -6.90 2.96
N GLN A 32 0.26 -6.60 3.54
CA GLN A 32 1.49 -6.66 2.79
C GLN A 32 1.83 -8.07 2.40
N ALA A 33 1.61 -8.99 3.34
CA ALA A 33 1.84 -10.40 3.05
C ALA A 33 0.94 -10.89 1.88
N LEU A 34 -0.30 -10.43 1.85
CA LEU A 34 -1.21 -10.81 0.79
C LEU A 34 -0.80 -10.17 -0.58
N ARG A 35 -0.41 -8.90 -0.54
CA ARG A 35 0.09 -8.26 -1.73
C ARG A 35 1.19 -9.04 -2.38
N GLU A 36 2.15 -9.47 -1.52
CA GLU A 36 3.35 -10.17 -1.98
C GLU A 36 3.08 -11.54 -2.39
N ALA A 37 2.18 -12.21 -1.70
CA ALA A 37 1.75 -13.53 -2.14
C ALA A 37 1.04 -13.45 -3.52
N GLY A 38 0.24 -12.41 -3.70
CA GLY A 38 -0.45 -12.22 -4.99
C GLY A 38 0.54 -12.03 -6.12
N ASP A 39 1.49 -11.13 -5.92
CA ASP A 39 2.63 -11.00 -6.90
C ASP A 39 3.37 -12.31 -7.14
N GLU A 40 3.66 -13.06 -6.09
CA GLU A 40 4.40 -14.36 -6.26
C GLU A 40 3.59 -15.33 -7.08
N PHE A 41 2.29 -15.43 -6.73
CA PHE A 41 1.39 -16.28 -7.45
C PHE A 41 1.34 -15.91 -8.93
N GLU A 42 1.13 -14.62 -9.16
CA GLU A 42 1.00 -14.07 -10.51
C GLU A 42 2.23 -14.33 -11.38
N LEU A 43 3.39 -14.32 -10.76
CA LEU A 43 4.66 -14.52 -11.43
C LEU A 43 4.87 -16.01 -11.64
N ARG A 44 4.69 -16.83 -10.59
CA ARG A 44 4.93 -18.31 -10.76
C ARG A 44 3.98 -18.91 -11.77
N TYR A 45 2.69 -18.58 -11.70
CA TYR A 45 1.68 -19.24 -12.55
C TYR A 45 1.10 -18.33 -13.61
N ARG A 46 1.89 -17.36 -14.04
CA ARG A 46 1.53 -16.44 -15.11
C ARG A 46 0.87 -17.12 -16.29
N ARG A 47 1.56 -18.13 -16.84
CA ARG A 47 1.09 -18.82 -18.02
C ARG A 47 -0.34 -19.33 -17.83
N ALA A 48 -0.53 -20.13 -16.80
CA ALA A 48 -1.86 -20.69 -16.53
C ALA A 48 -2.88 -19.61 -16.20
N PHE A 49 -2.49 -18.63 -15.40
CA PHE A 49 -3.41 -17.59 -14.96
C PHE A 49 -3.79 -16.64 -16.10
N SER A 50 -2.86 -16.35 -16.99
CA SER A 50 -3.16 -15.61 -18.23
C SER A 50 -4.14 -16.37 -19.12
N ASP A 51 -3.97 -17.68 -19.21
CA ASP A 51 -4.84 -18.52 -20.04
C ASP A 51 -6.26 -18.44 -19.49
N LEU A 52 -6.44 -18.73 -18.22
CA LEU A 52 -7.79 -18.74 -17.68
C LEU A 52 -8.38 -17.34 -17.62
N THR A 53 -7.56 -16.35 -17.27
CA THR A 53 -8.13 -15.00 -17.20
C THR A 53 -8.60 -14.49 -18.56
N SER A 54 -7.94 -14.92 -19.64
CA SER A 54 -8.28 -14.47 -20.99
C SER A 54 -9.53 -15.15 -21.56
N GLN A 55 -9.82 -16.36 -21.12
CA GLN A 55 -11.09 -17.00 -21.44
C GLN A 55 -12.31 -16.15 -21.04
N LEU A 56 -12.15 -15.25 -20.09
CA LEU A 56 -13.24 -14.40 -19.62
C LEU A 56 -13.55 -13.30 -20.59
N HIS A 57 -14.84 -13.06 -20.79
CA HIS A 57 -15.30 -11.92 -21.57
C HIS A 57 -16.23 -11.15 -20.66
N ILE A 58 -15.72 -10.08 -20.07
CA ILE A 58 -16.45 -9.41 -19.00
C ILE A 58 -17.55 -8.54 -19.57
N THR A 59 -18.76 -8.70 -19.01
CA THR A 59 -19.81 -7.67 -19.15
C THR A 59 -20.50 -7.45 -17.81
N PRO A 60 -21.24 -6.33 -17.70
CA PRO A 60 -22.00 -6.04 -16.50
C PRO A 60 -23.12 -7.09 -16.23
N GLY A 61 -23.70 -7.61 -17.29
CA GLY A 61 -24.79 -8.55 -17.12
C GLY A 61 -24.33 -9.95 -16.75
N THR A 62 -23.06 -10.26 -16.99
CA THR A 62 -22.53 -11.60 -16.81
C THR A 62 -21.30 -11.68 -15.87
N ALA A 63 -20.77 -10.55 -15.44
CA ALA A 63 -19.60 -10.51 -14.57
C ALA A 63 -19.77 -11.36 -13.28
N TYR A 64 -20.95 -11.35 -12.69
CA TYR A 64 -21.21 -12.07 -11.44
C TYR A 64 -21.23 -13.59 -11.65
N GLN A 65 -21.92 -14.01 -12.69
CA GLN A 65 -21.91 -15.40 -13.15
C GLN A 65 -20.46 -15.86 -13.27
N SER A 66 -19.64 -15.10 -14.00
CA SER A 66 -18.26 -15.49 -14.19
C SER A 66 -17.52 -15.58 -12.85
N PHE A 67 -17.64 -14.55 -12.01
CA PHE A 67 -16.97 -14.56 -10.69
C PHE A 67 -17.36 -15.82 -9.92
N GLU A 68 -18.66 -16.01 -9.79
CA GLU A 68 -19.23 -17.13 -9.05
C GLU A 68 -18.64 -18.47 -9.54
N GLN A 69 -18.56 -18.62 -10.85
CA GLN A 69 -18.16 -19.87 -11.47
C GLN A 69 -16.68 -20.19 -11.24
N VAL A 70 -15.82 -19.22 -11.47
CA VAL A 70 -14.41 -19.41 -11.24
C VAL A 70 -14.15 -19.74 -9.79
N VAL A 71 -14.79 -19.00 -8.90
CA VAL A 71 -14.49 -19.15 -7.50
C VAL A 71 -14.93 -20.54 -7.05
N ASN A 72 -16.11 -20.99 -7.46
CA ASN A 72 -16.53 -22.36 -7.11
C ASN A 72 -15.63 -23.47 -7.69
N GLU A 73 -15.10 -23.26 -8.88
CA GLU A 73 -14.09 -24.14 -9.42
C GLU A 73 -12.86 -24.14 -8.51
N LEU A 74 -12.30 -22.93 -8.30
CA LEU A 74 -11.11 -22.74 -7.49
C LEU A 74 -11.17 -23.50 -6.15
N PHE A 75 -12.34 -23.46 -5.51
CA PHE A 75 -12.56 -24.05 -4.18
C PHE A 75 -13.42 -25.33 -4.23
N ARG A 76 -13.55 -25.96 -5.40
CA ARG A 76 -14.34 -27.19 -5.55
C ARG A 76 -13.87 -28.28 -4.62
N ASP A 77 -12.54 -28.38 -4.47
CA ASP A 77 -11.90 -29.47 -3.72
C ASP A 77 -11.49 -28.98 -2.34
N GLY A 78 -12.07 -27.88 -1.88
CA GLY A 78 -11.75 -27.37 -0.56
C GLY A 78 -10.85 -26.17 -0.68
N VAL A 79 -10.36 -25.74 0.47
CA VAL A 79 -9.63 -24.49 0.63
C VAL A 79 -8.21 -24.79 1.09
N ASN A 80 -7.23 -24.11 0.44
CA ASN A 80 -5.82 -23.92 0.89
C ASN A 80 -5.55 -22.44 0.92
N TRP A 81 -4.43 -22.06 1.55
CA TRP A 81 -3.97 -20.67 1.48
C TRP A 81 -3.56 -20.29 0.05
N GLY A 82 -3.04 -21.25 -0.72
CA GLY A 82 -2.73 -21.00 -2.13
C GLY A 82 -3.97 -20.62 -3.00
N ARG A 83 -5.09 -21.30 -2.73
CA ARG A 83 -6.31 -21.06 -3.44
C ARG A 83 -6.87 -19.72 -3.04
N ILE A 84 -6.70 -19.36 -1.76
CA ILE A 84 -7.10 -18.05 -1.24
C ILE A 84 -6.34 -16.91 -1.94
N VAL A 85 -5.04 -17.10 -2.12
CA VAL A 85 -4.20 -16.08 -2.73
C VAL A 85 -4.64 -15.93 -4.19
N ALA A 86 -4.83 -17.06 -4.87
CA ALA A 86 -5.32 -17.03 -6.24
C ALA A 86 -6.70 -16.34 -6.37
N PHE A 87 -7.55 -16.49 -5.35
CA PHE A 87 -8.84 -15.87 -5.33
C PHE A 87 -8.67 -14.36 -5.34
N PHE A 88 -7.73 -13.85 -4.54
CA PHE A 88 -7.47 -12.42 -4.55
C PHE A 88 -6.91 -11.93 -5.87
N SER A 89 -5.92 -12.64 -6.37
CA SER A 89 -5.31 -12.31 -7.67
C SER A 89 -6.32 -12.32 -8.80
N PHE A 90 -7.19 -13.32 -8.80
CA PHE A 90 -8.32 -13.34 -9.72
C PHE A 90 -9.21 -12.09 -9.62
N GLY A 91 -9.56 -11.69 -8.40
CA GLY A 91 -10.41 -10.55 -8.20
C GLY A 91 -9.70 -9.32 -8.72
N GLY A 92 -8.43 -9.17 -8.40
CA GLY A 92 -7.62 -8.08 -8.94
C GLY A 92 -7.55 -8.01 -10.45
N ALA A 93 -7.43 -9.16 -11.12
CA ALA A 93 -7.38 -9.15 -12.60
C ALA A 93 -8.73 -8.78 -13.18
N LEU A 94 -9.80 -9.18 -12.50
CA LEU A 94 -11.17 -8.88 -12.98
C LEU A 94 -11.37 -7.37 -12.88
N CYS A 95 -10.90 -6.78 -11.78
CA CYS A 95 -10.97 -5.34 -11.66
C CYS A 95 -10.18 -4.61 -12.74
N VAL A 96 -8.96 -5.04 -13.02
CA VAL A 96 -8.13 -4.38 -14.02
C VAL A 96 -8.75 -4.52 -15.43
N GLU A 97 -9.25 -5.71 -15.74
CA GLU A 97 -9.90 -5.91 -17.00
C GLU A 97 -11.15 -5.05 -17.15
N SER A 98 -11.95 -4.99 -16.10
CA SER A 98 -13.15 -4.12 -16.11
C SER A 98 -12.78 -2.65 -16.41
N VAL A 99 -11.68 -2.16 -15.83
CA VAL A 99 -11.26 -0.77 -16.03
C VAL A 99 -10.80 -0.60 -17.47
N ASP A 100 -9.82 -1.40 -17.89
CA ASP A 100 -9.39 -1.47 -19.28
C ASP A 100 -10.54 -1.39 -20.25
N LYS A 101 -11.65 -2.04 -19.89
CA LYS A 101 -12.80 -2.17 -20.78
C LYS A 101 -13.93 -1.15 -20.57
N GLU A 102 -13.72 -0.13 -19.76
CA GLU A 102 -14.73 0.93 -19.53
C GLU A 102 -15.95 0.43 -18.77
N MET A 103 -15.69 -0.37 -17.75
CA MET A 103 -16.74 -0.93 -16.94
C MET A 103 -16.34 -0.77 -15.49
N GLN A 104 -15.88 0.45 -15.18
CA GLN A 104 -15.43 0.85 -13.84
C GLN A 104 -16.46 0.52 -12.75
N VAL A 105 -17.74 0.59 -13.11
CA VAL A 105 -18.81 0.35 -12.15
C VAL A 105 -18.67 -1.02 -11.47
N LEU A 106 -18.07 -1.97 -12.19
CA LEU A 106 -17.86 -3.33 -11.66
C LEU A 106 -16.83 -3.39 -10.53
N VAL A 107 -15.90 -2.44 -10.47
CA VAL A 107 -14.82 -2.57 -9.51
C VAL A 107 -15.42 -2.70 -8.10
N SER A 108 -16.29 -1.75 -7.76
CA SER A 108 -16.97 -1.72 -6.48
C SER A 108 -17.80 -3.00 -6.23
N ARG A 109 -18.46 -3.51 -7.27
CA ARG A 109 -19.25 -4.75 -7.14
C ARG A 109 -18.34 -5.97 -6.91
N ILE A 110 -17.22 -6.06 -7.63
CA ILE A 110 -16.25 -7.14 -7.45
C ILE A 110 -15.71 -7.21 -6.01
N ALA A 111 -15.29 -6.06 -5.48
CA ALA A 111 -14.93 -5.87 -4.10
C ALA A 111 -15.99 -6.44 -3.14
N ALA A 112 -17.25 -6.08 -3.35
CA ALA A 112 -18.35 -6.61 -2.55
C ALA A 112 -18.51 -8.15 -2.64
N TRP A 113 -18.51 -8.67 -3.85
CA TRP A 113 -18.50 -10.10 -4.06
C TRP A 113 -17.38 -10.83 -3.37
N MET A 114 -16.18 -10.28 -3.44
CA MET A 114 -15.05 -10.86 -2.77
C MET A 114 -15.24 -10.87 -1.27
N ALA A 115 -15.63 -9.73 -0.72
CA ALA A 115 -15.82 -9.56 0.72
C ALA A 115 -16.89 -10.53 1.21
N THR A 116 -18.00 -10.60 0.49
CA THR A 116 -19.00 -11.59 0.82
C THR A 116 -18.47 -13.05 0.82
N TYR A 117 -17.82 -13.48 -0.26
CA TYR A 117 -17.30 -14.88 -0.34
C TYR A 117 -16.32 -15.22 0.78
N LEU A 118 -15.46 -14.26 1.07
CA LEU A 118 -14.51 -14.35 2.17
C LEU A 118 -15.23 -14.44 3.49
N ASN A 119 -16.21 -13.57 3.72
CA ASN A 119 -16.95 -13.62 4.99
C ASN A 119 -17.83 -14.80 5.21
N ASP A 120 -18.44 -15.26 4.15
CA ASP A 120 -19.39 -16.29 4.29
C ASP A 120 -18.82 -17.68 3.99
N HIS A 121 -17.79 -17.78 3.15
CA HIS A 121 -17.29 -19.10 2.71
C HIS A 121 -15.84 -19.45 3.04
N LEU A 122 -15.02 -18.48 3.36
CA LEU A 122 -13.63 -18.72 3.65
C LEU A 122 -13.32 -18.53 5.10
N GLU A 123 -13.92 -17.50 5.73
CA GLU A 123 -13.66 -17.20 7.17
C GLU A 123 -13.69 -18.43 8.12
N PRO A 124 -14.66 -19.35 7.97
CA PRO A 124 -14.57 -20.55 8.84
C PRO A 124 -13.32 -21.41 8.61
N TRP A 125 -12.87 -21.57 7.38
CA TRP A 125 -11.70 -22.35 7.12
C TRP A 125 -10.45 -21.59 7.58
N ILE A 126 -10.45 -20.29 7.39
CA ILE A 126 -9.33 -19.41 7.67
C ILE A 126 -9.03 -19.56 9.15
N GLN A 127 -10.08 -19.34 9.90
CA GLN A 127 -9.99 -19.33 11.33
C GLN A 127 -9.58 -20.69 11.89
N GLU A 128 -10.05 -21.75 11.29
CA GLU A 128 -9.70 -23.08 11.77
C GLU A 128 -8.23 -23.41 11.45
N ASN A 129 -7.61 -22.54 10.64
CA ASN A 129 -6.27 -22.78 10.13
C ASN A 129 -5.29 -21.73 10.63
N GLY A 130 -5.63 -21.19 11.81
CA GLY A 130 -4.75 -20.32 12.58
C GLY A 130 -4.81 -18.89 12.15
N GLY A 131 -5.87 -18.54 11.41
CA GLY A 131 -6.19 -17.15 11.04
C GLY A 131 -5.21 -16.54 10.07
N TRP A 132 -5.45 -15.28 9.72
CA TRP A 132 -4.51 -14.63 8.86
C TRP A 132 -3.15 -14.46 9.52
N ASP A 133 -3.11 -14.42 10.84
CA ASP A 133 -1.84 -14.38 11.56
C ASP A 133 -0.90 -15.52 11.14
N THR A 134 -1.44 -16.72 10.94
CA THR A 134 -0.69 -17.89 10.45
C THR A 134 -0.30 -17.74 8.99
N PHE A 135 -1.21 -17.22 8.17
CA PHE A 135 -0.86 -16.90 6.79
C PHE A 135 0.41 -16.05 6.82
N VAL A 136 0.43 -15.06 7.69
CA VAL A 136 1.60 -14.18 7.81
C VAL A 136 2.87 -14.92 8.29
N GLU A 137 2.73 -15.89 9.19
CA GLU A 137 3.93 -16.59 9.67
C GLU A 137 4.48 -17.47 8.55
N LEU A 138 3.57 -18.06 7.78
CA LEU A 138 3.93 -18.96 6.70
C LEU A 138 4.55 -18.24 5.52
N TYR A 139 3.86 -17.22 5.04
CA TYR A 139 4.17 -16.65 3.76
C TYR A 139 4.61 -15.20 3.73
N GLY A 140 4.49 -14.46 4.83
CA GLY A 140 5.02 -13.09 4.93
C GLY A 140 6.53 -13.10 4.84
N ASN A 141 7.12 -11.95 4.56
CA ASN A 141 8.59 -11.85 4.60
C ASN A 141 9.17 -11.20 5.86
N ASN A 142 8.30 -10.48 6.56
CA ASN A 142 8.63 -9.66 7.71
C ASN A 142 9.40 -10.28 8.86
N ALA A 143 10.08 -9.35 9.52
CA ALA A 143 11.13 -9.65 10.48
C ALA A 143 10.66 -10.56 11.60
N ALA A 144 9.34 -10.53 11.83
CA ALA A 144 8.64 -11.42 12.73
C ALA A 144 9.08 -12.86 12.53
N MET B 1 -13.80 -9.76 12.35
CA MET B 1 -14.62 -8.67 11.76
C MET B 1 -14.81 -8.82 10.24
N SER B 2 -16.04 -8.56 9.79
CA SER B 2 -16.33 -8.45 8.38
C SER B 2 -15.76 -7.13 7.83
N GLN B 3 -15.59 -6.12 8.69
CA GLN B 3 -14.97 -4.87 8.27
C GLN B 3 -13.52 -5.15 7.85
N SER B 4 -12.78 -5.88 8.66
CA SER B 4 -11.39 -6.12 8.33
C SER B 4 -11.23 -7.01 7.10
N ASN B 5 -12.13 -7.93 6.87
CA ASN B 5 -12.09 -8.68 5.60
C ASN B 5 -12.34 -7.78 4.37
N ARG B 6 -13.27 -6.86 4.52
CA ARG B 6 -13.52 -5.83 3.52
C ARG B 6 -12.28 -4.99 3.26
N GLU B 7 -11.63 -4.57 4.33
CA GLU B 7 -10.43 -3.75 4.23
C GLU B 7 -9.30 -4.49 3.54
N LEU B 8 -9.16 -5.77 3.80
CA LEU B 8 -8.17 -6.55 3.11
C LEU B 8 -8.43 -6.64 1.57
N VAL B 9 -9.70 -6.82 1.18
CA VAL B 9 -10.08 -6.86 -0.22
C VAL B 9 -9.72 -5.53 -0.86
N VAL B 10 -10.08 -4.43 -0.17
CA VAL B 10 -9.89 -3.09 -0.68
C VAL B 10 -8.42 -2.76 -0.85
N ASP B 11 -7.64 -3.07 0.18
CA ASP B 11 -6.22 -2.93 0.06
C ASP B 11 -5.66 -3.75 -1.12
N PHE B 12 -5.99 -5.02 -1.22
CA PHE B 12 -5.47 -5.83 -2.36
C PHE B 12 -5.86 -5.27 -3.74
N LEU B 13 -7.12 -4.91 -3.88
CA LEU B 13 -7.60 -4.40 -5.13
C LEU B 13 -6.93 -3.08 -5.46
N SER B 14 -6.81 -2.23 -4.46
CA SER B 14 -6.19 -0.94 -4.62
C SER B 14 -4.75 -1.11 -5.15
N TYR B 15 -4.02 -2.04 -4.59
CA TYR B 15 -2.65 -2.38 -5.04
C TYR B 15 -2.57 -2.88 -6.48
N LYS B 16 -3.42 -3.86 -6.82
CA LYS B 16 -3.45 -4.39 -8.16
C LYS B 16 -3.75 -3.35 -9.23
N LEU B 17 -4.75 -2.53 -8.96
CA LEU B 17 -5.07 -1.42 -9.84
C LEU B 17 -3.84 -0.57 -9.93
N SER B 18 -3.18 -0.25 -8.83
CA SER B 18 -2.06 0.70 -8.93
C SER B 18 -0.93 0.18 -9.79
N GLN B 19 -0.73 -1.14 -9.75
CA GLN B 19 0.32 -1.78 -10.54
C GLN B 19 0.11 -1.60 -12.02
N LYS B 20 -1.14 -1.40 -12.41
CA LYS B 20 -1.50 -1.26 -13.79
C LYS B 20 -1.88 0.17 -14.17
N GLY B 21 -1.46 1.11 -13.34
CA GLY B 21 -1.68 2.55 -13.61
C GLY B 21 -3.06 3.09 -13.24
N TYR B 22 -3.87 2.32 -12.51
CA TYR B 22 -5.23 2.73 -12.14
C TYR B 22 -5.26 2.99 -10.63
N SER B 23 -6.40 3.51 -10.18
CA SER B 23 -6.61 3.95 -8.82
C SER B 23 -7.97 3.50 -8.33
N TRP B 24 -7.99 2.97 -7.13
CA TRP B 24 -9.22 2.66 -6.41
C TRP B 24 -10.03 3.94 -6.15
N SER B 25 -9.32 5.01 -5.82
CA SER B 25 -9.97 6.26 -5.45
C SER B 25 -8.98 7.35 -5.59
N GLN B 26 -9.46 8.57 -5.40
CA GLN B 26 -8.63 9.72 -5.47
C GLN B 26 -7.57 9.72 -4.34
N MET B 27 -8.03 9.41 -3.14
CA MET B 27 -7.18 9.22 -2.01
C MET B 27 -6.09 8.13 -2.28
N ALA B 28 -6.49 7.00 -2.88
CA ALA B 28 -5.49 5.99 -3.21
C ALA B 28 -4.45 6.52 -4.25
N ALA B 29 -4.88 7.33 -5.21
CA ALA B 29 -3.99 7.92 -6.17
C ALA B 29 -2.99 8.87 -5.45
N VAL B 30 -3.50 9.68 -4.51
CA VAL B 30 -2.60 10.54 -3.70
C VAL B 30 -1.56 9.73 -2.89
N LYS B 31 -2.05 8.73 -2.15
CA LYS B 31 -1.17 7.85 -1.37
C LYS B 31 -0.10 7.23 -2.22
N GLN B 32 -0.52 6.68 -3.34
CA GLN B 32 0.42 6.06 -4.25
C GLN B 32 1.44 7.02 -4.83
N ALA B 33 1.03 8.22 -5.22
CA ALA B 33 1.99 9.15 -5.74
C ALA B 33 3.02 9.57 -4.66
N LEU B 34 2.57 9.65 -3.41
CA LEU B 34 3.42 10.08 -2.33
C LEU B 34 4.40 8.96 -1.96
N ARG B 35 3.94 7.71 -2.03
CA ARG B 35 4.84 6.57 -1.91
C ARG B 35 5.99 6.62 -2.91
N GLU B 36 5.68 6.83 -4.19
CA GLU B 36 6.68 6.83 -5.26
C GLU B 36 7.69 7.96 -5.13
N ALA B 37 7.17 9.09 -4.69
CA ALA B 37 7.91 10.32 -4.61
C ALA B 37 8.92 10.20 -3.41
N GLY B 38 8.47 9.56 -2.34
CA GLY B 38 9.28 9.21 -1.18
C GLY B 38 10.43 8.33 -1.58
N ASP B 39 10.08 7.29 -2.35
CA ASP B 39 11.08 6.39 -2.88
C ASP B 39 12.11 7.16 -3.72
N GLU B 40 11.62 8.04 -4.56
CA GLU B 40 12.51 8.77 -5.42
C GLU B 40 13.42 9.74 -4.72
N PHE B 41 12.88 10.44 -3.75
CA PHE B 41 13.66 11.34 -2.92
C PHE B 41 14.81 10.56 -2.23
N GLU B 42 14.47 9.44 -1.61
CA GLU B 42 15.46 8.58 -0.92
C GLU B 42 16.56 8.05 -1.87
N LEU B 43 16.20 7.81 -3.12
CA LEU B 43 17.19 7.45 -4.13
C LEU B 43 18.06 8.68 -4.46
N ARG B 44 17.43 9.81 -4.76
CA ARG B 44 18.17 10.94 -5.32
C ARG B 44 19.05 11.61 -4.26
N TYR B 45 18.64 11.53 -2.98
CA TYR B 45 19.30 12.21 -1.85
C TYR B 45 19.81 11.22 -0.76
N ARG B 46 20.15 10.00 -1.15
CA ARG B 46 20.61 8.97 -0.22
C ARG B 46 21.68 9.55 0.69
N ARG B 47 22.74 10.08 0.10
CA ARG B 47 23.90 10.47 0.88
C ARG B 47 23.54 11.55 1.92
N ALA B 48 23.03 12.70 1.49
CA ALA B 48 22.67 13.79 2.44
C ALA B 48 21.62 13.34 3.45
N PHE B 49 20.59 12.69 2.93
CA PHE B 49 19.50 12.19 3.77
C PHE B 49 20.00 11.19 4.83
N SER B 50 20.76 10.16 4.45
CA SER B 50 21.26 9.16 5.45
C SER B 50 22.29 9.75 6.43
N ASP B 51 23.08 10.68 5.93
CA ASP B 51 23.95 11.51 6.72
C ASP B 51 23.24 12.22 7.92
N LEU B 52 22.17 12.95 7.63
CA LEU B 52 21.49 13.76 8.64
C LEU B 52 20.64 12.85 9.49
N THR B 53 20.19 11.78 8.88
CA THR B 53 19.38 10.83 9.61
C THR B 53 20.23 10.07 10.65
N SER B 54 21.48 9.74 10.31
CA SER B 54 22.35 9.00 11.25
C SER B 54 22.80 9.81 12.48
N GLN B 55 22.65 11.13 12.44
CA GLN B 55 23.09 11.98 13.54
C GLN B 55 22.00 12.20 14.57
N LEU B 56 20.87 11.51 14.41
CA LEU B 56 19.69 11.80 15.20
C LEU B 56 19.80 11.16 16.56
N HIS B 57 20.24 9.90 16.61
CA HIS B 57 20.35 9.17 17.89
C HIS B 57 19.02 9.19 18.67
N ILE B 58 17.97 8.66 18.03
CA ILE B 58 16.66 8.71 18.63
C ILE B 58 16.59 8.05 19.99
N THR B 59 15.97 8.79 20.89
CA THR B 59 15.61 8.31 22.20
C THR B 59 14.12 8.61 22.38
N PRO B 60 13.39 7.88 23.26
CA PRO B 60 12.03 8.29 23.58
C PRO B 60 11.90 9.71 24.22
N GLY B 61 12.73 9.99 25.23
CA GLY B 61 12.87 11.35 25.78
C GLY B 61 13.24 12.50 24.82
N THR B 62 13.92 12.21 23.72
CA THR B 62 14.43 13.24 22.81
C THR B 62 13.73 13.21 21.42
N ALA B 63 12.85 12.24 21.17
CA ALA B 63 12.37 12.04 19.81
C ALA B 63 11.53 13.23 19.32
N TYR B 64 10.74 13.84 20.20
CA TYR B 64 9.83 14.92 19.81
C TYR B 64 10.62 16.16 19.45
N GLN B 65 11.57 16.47 20.29
CA GLN B 65 12.47 17.60 20.06
C GLN B 65 13.23 17.41 18.74
N SER B 66 13.73 16.21 18.50
CA SER B 66 14.41 15.92 17.22
C SER B 66 13.46 16.07 15.98
N PHE B 67 12.27 15.50 16.07
CA PHE B 67 11.32 15.72 15.03
C PHE B 67 11.11 17.20 14.75
N GLU B 68 10.71 17.93 15.79
CA GLU B 68 10.29 19.29 15.60
C GLU B 68 11.48 20.13 15.13
N GLN B 69 12.67 19.91 15.65
CA GLN B 69 13.82 20.65 15.14
C GLN B 69 14.05 20.43 13.63
N VAL B 70 14.15 19.18 13.23
CA VAL B 70 14.32 18.89 11.80
C VAL B 70 13.22 19.56 10.93
N VAL B 71 11.94 19.41 11.28
CA VAL B 71 10.89 19.99 10.40
C VAL B 71 10.93 21.51 10.35
N ASN B 72 11.17 22.19 11.46
CA ASN B 72 11.35 23.67 11.40
C ASN B 72 12.53 24.09 10.49
N GLU B 73 13.60 23.30 10.45
CA GLU B 73 14.74 23.59 9.58
C GLU B 73 14.42 23.38 8.09
N LEU B 74 13.85 22.22 7.80
CA LEU B 74 13.40 21.86 6.46
C LEU B 74 12.43 22.89 5.81
N PHE B 75 11.49 23.45 6.57
CA PHE B 75 10.54 24.47 6.10
C PHE B 75 10.82 25.94 6.44
N ARG B 76 12.03 26.22 6.91
CA ARG B 76 12.41 27.56 7.26
C ARG B 76 12.25 28.61 6.14
N ASP B 77 12.51 28.20 4.91
CA ASP B 77 12.47 29.11 3.77
C ASP B 77 11.19 28.96 2.95
N GLY B 78 10.19 28.32 3.54
CA GLY B 78 8.89 28.19 2.92
C GLY B 78 8.62 26.73 2.56
N VAL B 79 7.45 26.51 2.00
CA VAL B 79 6.98 25.22 1.62
C VAL B 79 7.01 24.99 0.08
N ASN B 80 7.43 23.81 -0.32
CA ASN B 80 7.23 23.42 -1.71
C ASN B 80 6.99 21.91 -1.74
N TRP B 81 6.64 21.34 -2.89
CA TRP B 81 6.39 19.91 -2.92
C TRP B 81 7.61 19.10 -2.50
N GLY B 82 8.81 19.48 -2.92
CA GLY B 82 10.00 18.64 -2.61
C GLY B 82 10.16 18.52 -1.09
N ARG B 83 9.98 19.65 -0.41
CA ARG B 83 10.13 19.70 1.02
C ARG B 83 9.08 18.86 1.67
N ILE B 84 7.87 18.95 1.18
CA ILE B 84 6.78 18.09 1.67
C ILE B 84 7.18 16.62 1.57
N VAL B 85 7.70 16.22 0.43
CA VAL B 85 8.09 14.86 0.28
C VAL B 85 9.23 14.48 1.26
N ALA B 86 10.23 15.35 1.45
CA ALA B 86 11.31 15.06 2.40
C ALA B 86 10.79 14.89 3.82
N PHE B 87 9.74 15.65 4.12
CA PHE B 87 9.03 15.62 5.40
C PHE B 87 8.44 14.25 5.65
N PHE B 88 7.76 13.72 4.61
CA PHE B 88 7.19 12.37 4.72
C PHE B 88 8.31 11.34 4.89
N SER B 89 9.26 11.35 3.98
CA SER B 89 10.45 10.49 4.08
C SER B 89 11.17 10.58 5.41
N PHE B 90 11.29 11.79 5.96
CA PHE B 90 11.96 11.95 7.23
C PHE B 90 11.21 11.17 8.30
N GLY B 91 9.89 11.32 8.35
CA GLY B 91 9.06 10.64 9.33
C GLY B 91 9.14 9.12 9.22
N GLY B 92 9.07 8.60 8.00
CA GLY B 92 9.28 7.17 7.71
C GLY B 92 10.61 6.71 8.28
N ALA B 93 11.68 7.46 8.05
CA ALA B 93 13.00 7.00 8.49
C ALA B 93 13.13 7.02 10.03
N LEU B 94 12.48 7.97 10.67
CA LEU B 94 12.43 8.01 12.12
C LEU B 94 11.64 6.82 12.67
N CYS B 95 10.54 6.47 11.98
CA CYS B 95 9.78 5.25 12.40
C CYS B 95 10.61 3.99 12.26
N VAL B 96 11.36 3.89 11.16
CA VAL B 96 12.20 2.71 10.92
C VAL B 96 13.29 2.66 11.97
N GLU B 97 13.97 3.77 12.18
CA GLU B 97 15.00 3.83 13.20
C GLU B 97 14.47 3.51 14.65
N SER B 98 13.30 4.04 15.00
CA SER B 98 12.68 3.66 16.26
C SER B 98 12.46 2.13 16.43
N VAL B 99 11.92 1.46 15.40
CA VAL B 99 11.72 0.02 15.43
C VAL B 99 13.04 -0.76 15.42
N ASP B 100 14.02 -0.33 14.62
CA ASP B 100 15.39 -0.89 14.68
C ASP B 100 15.89 -0.93 16.15
N LYS B 101 15.65 0.16 16.87
CA LYS B 101 16.11 0.31 18.23
C LYS B 101 15.12 -0.10 19.34
N GLU B 102 14.07 -0.83 18.98
CA GLU B 102 13.12 -1.34 19.96
C GLU B 102 12.37 -0.21 20.72
N MET B 103 11.99 0.84 20.01
CA MET B 103 11.20 1.93 20.55
C MET B 103 9.93 2.06 19.71
N GLN B 104 9.27 0.92 19.51
CA GLN B 104 8.05 0.85 18.66
C GLN B 104 6.96 1.83 19.13
N VAL B 105 6.90 2.13 20.44
CA VAL B 105 5.98 3.12 20.98
C VAL B 105 6.07 4.49 20.25
N LEU B 106 7.21 4.79 19.65
CA LEU B 106 7.35 6.10 19.02
C LEU B 106 6.60 6.22 17.74
N VAL B 107 6.33 5.08 17.10
CA VAL B 107 5.70 5.07 15.79
C VAL B 107 4.35 5.84 15.72
N SER B 108 3.35 5.51 16.55
CA SER B 108 2.08 6.30 16.60
C SER B 108 2.31 7.73 17.02
N ARG B 109 3.27 7.94 17.90
CA ARG B 109 3.49 9.28 18.35
C ARG B 109 3.94 10.09 17.14
N ILE B 110 4.89 9.57 16.40
CA ILE B 110 5.38 10.23 15.19
C ILE B 110 4.32 10.47 14.11
N ALA B 111 3.43 9.50 13.91
CA ALA B 111 2.30 9.73 13.01
C ALA B 111 1.42 10.91 13.47
N ALA B 112 1.20 11.01 14.79
CA ALA B 112 0.46 12.11 15.33
C ALA B 112 1.17 13.46 15.11
N TRP B 113 2.49 13.49 15.31
CA TRP B 113 3.25 14.72 15.08
C TRP B 113 3.20 15.16 13.63
N MET B 114 3.33 14.21 12.73
CA MET B 114 3.21 14.48 11.30
C MET B 114 1.84 14.93 10.88
N ALA B 115 0.78 14.28 11.35
CA ALA B 115 -0.56 14.65 10.86
C ALA B 115 -0.93 16.04 11.24
N THR B 116 -0.67 16.41 12.50
CA THR B 116 -0.91 17.76 12.96
C THR B 116 -0.02 18.79 12.24
N TYR B 117 1.26 18.48 12.03
CA TYR B 117 2.13 19.41 11.27
C TYR B 117 1.65 19.66 9.85
N LEU B 118 1.37 18.56 9.13
CA LEU B 118 0.69 18.59 7.85
C LEU B 118 -0.57 19.44 7.90
N ASN B 119 -1.44 19.13 8.83
CA ASN B 119 -2.66 19.85 9.03
C ASN B 119 -2.53 21.36 9.27
N ASP B 120 -1.64 21.72 10.19
CA ASP B 120 -1.52 23.08 10.62
C ASP B 120 -0.55 23.91 9.76
N HIS B 121 0.59 23.36 9.37
CA HIS B 121 1.62 24.16 8.72
C HIS B 121 1.76 23.95 7.23
N LEU B 122 1.26 22.85 6.69
CA LEU B 122 1.53 22.53 5.29
C LEU B 122 0.27 22.70 4.42
N GLU B 123 -0.88 22.35 5.01
CA GLU B 123 -2.17 22.24 4.32
C GLU B 123 -2.62 23.51 3.61
N PRO B 124 -2.55 24.67 4.28
CA PRO B 124 -2.92 25.91 3.60
C PRO B 124 -2.13 26.11 2.31
N TRP B 125 -0.78 26.07 2.36
CA TRP B 125 0.06 26.11 1.14
C TRP B 125 -0.39 25.09 0.10
N ILE B 126 -0.56 23.87 0.52
CA ILE B 126 -0.97 22.79 -0.37
C ILE B 126 -2.26 23.22 -1.11
N GLN B 127 -3.21 23.78 -0.38
CA GLN B 127 -4.52 24.04 -0.96
C GLN B 127 -4.45 25.29 -1.81
N GLU B 128 -3.47 26.14 -1.56
CA GLU B 128 -3.27 27.31 -2.41
C GLU B 128 -2.45 26.98 -3.65
N ASN B 129 -1.89 25.79 -3.71
CA ASN B 129 -1.19 25.35 -4.88
C ASN B 129 -1.97 24.22 -5.60
N GLY B 130 -3.28 24.15 -5.39
CA GLY B 130 -4.18 23.26 -6.12
C GLY B 130 -4.41 21.92 -5.45
N GLY B 131 -3.89 21.76 -4.23
CA GLY B 131 -4.16 20.64 -3.40
C GLY B 131 -3.42 19.41 -3.89
N TRP B 132 -3.81 18.28 -3.33
CA TRP B 132 -3.12 17.04 -3.61
C TRP B 132 -3.34 16.56 -5.00
N ASP B 133 -4.44 17.01 -5.62
CA ASP B 133 -4.70 16.74 -7.02
C ASP B 133 -3.55 17.29 -7.89
N THR B 134 -3.04 18.47 -7.60
CA THR B 134 -1.83 19.00 -8.32
C THR B 134 -0.62 18.09 -8.12
N PHE B 135 -0.47 17.52 -6.92
CA PHE B 135 0.70 16.71 -6.59
C PHE B 135 0.69 15.44 -7.45
N VAL B 136 -0.49 14.85 -7.59
CA VAL B 136 -0.63 13.61 -8.34
C VAL B 136 -0.40 13.91 -9.82
N GLU B 137 -0.96 15.02 -10.34
CA GLU B 137 -0.67 15.46 -11.71
C GLU B 137 0.83 15.42 -11.95
N LEU B 138 1.57 16.17 -11.13
CA LEU B 138 2.98 16.42 -11.36
C LEU B 138 3.90 15.31 -10.93
N TYR B 139 3.55 14.61 -9.86
CA TYR B 139 4.45 13.58 -9.32
C TYR B 139 3.96 12.12 -9.41
N GLY B 140 2.73 11.88 -9.78
CA GLY B 140 2.20 10.54 -9.73
C GLY B 140 2.66 9.81 -10.98
N ASN B 141 2.29 8.55 -11.11
CA ASN B 141 2.71 7.81 -12.29
C ASN B 141 1.70 7.39 -13.29
N ASN B 142 0.46 7.80 -13.08
CA ASN B 142 -0.76 7.14 -13.59
C ASN B 142 -0.96 6.95 -15.10
N ALA B 143 -1.66 5.87 -15.47
CA ALA B 143 -2.11 5.70 -16.87
C ALA B 143 -2.77 6.95 -17.48
N ALA B 144 -2.87 7.00 -18.81
CA ALA B 144 -3.93 7.76 -19.48
C ALA B 144 -4.44 6.99 -20.70
N LYS C 6 -12.36 -25.79 -16.88
CA LYS C 6 -12.30 -26.67 -15.67
C LYS C 6 -10.91 -26.68 -14.97
N ASP C 7 -10.03 -25.82 -15.47
CA ASP C 7 -8.68 -25.71 -14.94
C ASP C 7 -8.50 -24.86 -13.69
N TRP C 8 -9.51 -24.12 -13.26
CA TRP C 8 -9.36 -23.38 -11.98
C TRP C 8 -9.29 -24.38 -10.83
N GLU C 9 -10.06 -25.48 -10.92
CA GLU C 9 -9.92 -26.66 -10.03
C GLU C 9 -8.48 -27.16 -9.96
N GLU C 10 -7.92 -27.34 -11.14
CA GLU C 10 -6.58 -27.92 -11.32
C GLU C 10 -5.53 -26.96 -10.75
N LEU C 11 -5.55 -25.73 -11.25
CA LEU C 11 -4.73 -24.63 -10.73
C LEU C 11 -4.77 -24.61 -9.20
N GLY C 12 -5.96 -24.72 -8.64
CA GLY C 12 -6.09 -24.72 -7.18
C GLY C 12 -5.32 -25.84 -6.50
N GLU C 13 -5.32 -27.02 -7.12
CA GLU C 13 -4.57 -28.15 -6.58
C GLU C 13 -3.07 -28.03 -6.88
N GLU C 14 -2.75 -27.43 -8.03
CA GLU C 14 -1.34 -27.29 -8.48
C GLU C 14 -0.55 -26.16 -7.75
N ILE C 15 -1.19 -25.11 -7.27
CA ILE C 15 -0.46 -23.93 -6.74
C ILE C 15 0.35 -24.25 -5.51
N ARG C 16 1.61 -23.83 -5.45
CA ARG C 16 2.39 -23.87 -4.21
C ARG C 16 3.00 -22.50 -4.01
N LEU C 17 3.18 -22.14 -2.75
CA LEU C 17 3.88 -20.93 -2.46
C LEU C 17 5.21 -21.27 -1.79
N LYS C 18 6.20 -20.44 -2.01
CA LYS C 18 7.37 -20.48 -1.18
C LYS C 18 6.91 -20.32 0.25
N VAL C 19 7.53 -21.10 1.15
CA VAL C 19 7.07 -21.19 2.52
C VAL C 19 8.20 -21.12 3.48
N PHE C 20 7.90 -20.52 4.61
CA PHE C 20 8.89 -20.31 5.57
C PHE C 20 9.05 -21.56 6.45
N VAL C 21 10.11 -22.29 6.15
CA VAL C 21 10.56 -23.45 6.92
C VAL C 21 11.89 -23.08 7.53
N LYS D 6 21.47 24.25 9.82
CA LYS D 6 22.21 24.49 8.55
C LYS D 6 21.86 23.41 7.54
N ASP D 7 22.18 22.17 7.90
CA ASP D 7 22.16 21.08 6.95
C ASP D 7 20.76 20.66 6.49
N TRP D 8 19.75 20.59 7.37
CA TRP D 8 18.38 20.28 6.88
C TRP D 8 17.79 21.43 6.11
N GLU D 9 18.10 22.68 6.52
CA GLU D 9 17.73 23.84 5.70
C GLU D 9 18.45 23.80 4.34
N GLU D 10 19.74 23.47 4.34
CA GLU D 10 20.50 23.35 3.10
C GLU D 10 19.88 22.26 2.20
N LEU D 11 19.60 21.08 2.76
CA LEU D 11 18.93 20.02 1.97
C LEU D 11 17.55 20.48 1.48
N GLY D 12 16.80 21.16 2.36
CA GLY D 12 15.49 21.70 2.01
C GLY D 12 15.50 22.61 0.80
N GLU D 13 16.52 23.47 0.71
CA GLU D 13 16.64 24.38 -0.42
C GLU D 13 16.92 23.72 -1.75
N GLU D 14 17.48 22.52 -1.74
CA GLU D 14 17.93 21.85 -2.96
C GLU D 14 16.92 20.97 -3.65
N ILE D 15 15.95 20.47 -2.88
CA ILE D 15 15.21 19.29 -3.31
C ILE D 15 14.48 19.51 -4.63
N ARG D 16 14.90 18.75 -5.62
CA ARG D 16 14.15 18.56 -6.85
C ARG D 16 13.90 17.07 -7.05
N LEU D 17 12.67 16.76 -7.39
CA LEU D 17 12.32 15.46 -7.86
C LEU D 17 11.86 15.60 -9.31
N LYS D 18 11.70 14.46 -9.95
CA LYS D 18 11.24 14.45 -11.30
C LYS D 18 9.79 14.80 -11.39
N VAL D 19 9.46 15.50 -12.45
CA VAL D 19 8.12 15.99 -12.60
C VAL D 19 7.61 15.62 -13.97
N PHE D 20 6.31 15.42 -14.03
CA PHE D 20 5.69 15.12 -15.28
C PHE D 20 5.48 16.46 -15.94
N VAL D 21 6.48 16.82 -16.69
CA VAL D 21 6.47 18.01 -17.50
C VAL D 21 6.04 17.49 -18.85
N LEU D 22 4.76 17.74 -19.09
CA LEU D 22 4.04 17.36 -20.29
C LEU D 22 4.04 18.63 -21.13
N GLY D 23 5.22 18.95 -21.69
CA GLY D 23 5.44 20.19 -22.41
C GLY D 23 6.20 20.03 -23.70
#